data_6N6R
#
_entry.id   6N6R
#
_cell.length_a   52.900
_cell.length_b   88.180
_cell.length_c   105.900
_cell.angle_alpha   90.00
_cell.angle_beta   90.00
_cell.angle_gamma   90.00
#
_symmetry.space_group_name_H-M   'P 21 21 21'
#
loop_
_entity.id
_entity.type
_entity.pdbx_description
1 polymer Ubiquitin
2 polymer 'TNFAIP3-interacting protein 1'
3 water water
#
loop_
_entity_poly.entity_id
_entity_poly.type
_entity_poly.pdbx_seq_one_letter_code
_entity_poly.pdbx_strand_id
1 'polypeptide(L)'
;GSGSGMQIFVKTLTGKTITLEVEPSDTIENVKAKIQDKEGIPPDQQRLIFAGKQLEDGRTLSDYNIQKESTLHLVLRLRG
GMQIFVKTLTGKTITLEVEPSDTIENVKAKIQDKEGIPPDQQRLIFAGKQLEDGRTLSDYNIQKESTLHLVLRLRGG
;
A,C
2 'polypeptide(L)' LRKQELVTQNELLKQQVKIFEEDFQRERSDRERMNEEKEELKKQVEKLQAQVTLTNAQLKTLKEEEKAKE B,D
#
# COMPACT_ATOMS: atom_id res chain seq x y z
N MET A 6 18.42 30.81 -19.87
CA MET A 6 18.36 29.36 -20.22
C MET A 6 16.90 28.90 -20.39
N GLN A 7 16.67 28.08 -21.42
CA GLN A 7 15.34 27.60 -21.80
C GLN A 7 15.41 26.11 -22.09
N ILE A 8 14.57 25.34 -21.38
CA ILE A 8 14.70 23.87 -21.31
C ILE A 8 13.37 23.18 -21.62
N PHE A 9 13.46 21.97 -22.22
CA PHE A 9 12.30 21.12 -22.50
C PHE A 9 12.13 20.07 -21.39
N VAL A 10 10.88 19.72 -21.10
CA VAL A 10 10.55 18.63 -20.18
C VAL A 10 9.53 17.72 -20.84
N LYS A 11 9.84 16.42 -20.90
CA LYS A 11 9.10 15.45 -21.69
C LYS A 11 8.81 14.17 -20.89
N THR A 12 7.60 13.63 -21.03
CA THR A 12 7.23 12.37 -20.38
C THR A 12 7.30 11.17 -21.35
N LEU A 13 7.03 9.98 -20.81
CA LEU A 13 6.89 8.75 -21.62
C LEU A 13 5.66 8.77 -22.55
N THR A 14 4.67 9.58 -22.23
CA THR A 14 3.59 9.91 -23.19
C THR A 14 4.18 10.91 -24.20
N GLY A 15 3.36 11.42 -25.11
CA GLY A 15 3.80 12.48 -26.03
C GLY A 15 4.00 13.87 -25.41
N LYS A 16 3.70 13.99 -24.11
CA LYS A 16 3.70 15.27 -23.40
C LYS A 16 5.09 15.91 -23.35
N THR A 17 5.18 17.16 -23.81
CA THR A 17 6.39 17.98 -23.66
C THR A 17 6.04 19.46 -23.47
N ILE A 18 6.80 20.11 -22.59
CA ILE A 18 6.65 21.52 -22.23
C ILE A 18 8.01 22.20 -22.20
N THR A 19 8.00 23.54 -22.12
CA THR A 19 9.22 24.34 -22.03
C THR A 19 9.22 25.17 -20.74
N LEU A 20 10.40 25.26 -20.12
CA LEU A 20 10.59 25.97 -18.84
C LEU A 20 11.63 27.08 -18.97
N GLU A 21 11.39 28.18 -18.25
CA GLU A 21 12.34 29.29 -18.12
C GLU A 21 13.16 29.12 -16.84
N VAL A 22 14.41 28.70 -17.00
CA VAL A 22 15.30 28.41 -15.88
C VAL A 22 16.61 29.19 -15.95
N GLU A 23 17.43 29.02 -14.91
CA GLU A 23 18.80 29.52 -14.86
C GLU A 23 19.71 28.37 -14.42
N PRO A 24 20.98 28.33 -14.89
CA PRO A 24 21.89 27.24 -14.48
C PRO A 24 22.11 27.07 -12.96
N SER A 25 21.90 28.14 -12.19
CA SER A 25 21.92 28.08 -10.72
C SER A 25 20.68 27.42 -10.10
N ASP A 26 19.57 27.37 -10.83
CA ASP A 26 18.33 26.75 -10.32
C ASP A 26 18.55 25.32 -9.89
N THR A 27 18.06 25.01 -8.70
CA THR A 27 18.10 23.65 -8.18
C THR A 27 16.99 22.84 -8.82
N ILE A 28 17.12 21.52 -8.72
CA ILE A 28 16.13 20.59 -9.26
C ILE A 28 14.78 20.79 -8.54
N GLU A 29 14.83 21.10 -7.24
CA GLU A 29 13.63 21.38 -6.44
C GLU A 29 12.87 22.61 -6.94
N ASN A 30 13.62 23.63 -7.39
CA ASN A 30 13.03 24.83 -8.00
C ASN A 30 12.42 24.49 -9.35
N VAL A 31 13.10 23.63 -10.12
CA VAL A 31 12.60 23.15 -11.41
C VAL A 31 11.27 22.41 -11.20
N LYS A 32 11.21 21.57 -10.18
CA LYS A 32 9.96 20.90 -9.80
C LYS A 32 8.85 21.87 -9.40
N ALA A 33 9.19 22.91 -8.63
CA ALA A 33 8.23 23.98 -8.30
C ALA A 33 7.72 24.70 -9.55
N LYS A 34 8.61 24.93 -10.51
CA LYS A 34 8.23 25.50 -11.81
C LYS A 34 7.29 24.61 -12.61
N ILE A 35 7.53 23.30 -12.57
CA ILE A 35 6.65 22.33 -13.21
C ILE A 35 5.26 22.33 -12.56
N GLN A 36 5.21 22.43 -11.24
CA GLN A 36 3.94 22.56 -10.51
C GLN A 36 3.16 23.80 -10.95
N ASP A 37 3.86 24.93 -11.05
CA ASP A 37 3.24 26.21 -11.46
C ASP A 37 2.61 26.15 -12.84
N LYS A 38 3.36 25.61 -13.81
CA LYS A 38 2.85 25.48 -15.18
C LYS A 38 1.84 24.33 -15.37
N GLU A 39 2.10 23.19 -14.73
CA GLU A 39 1.42 21.92 -15.05
C GLU A 39 0.52 21.31 -13.95
N GLY A 40 0.60 21.83 -12.72
CA GLY A 40 -0.20 21.32 -11.60
C GLY A 40 0.24 19.99 -11.00
N ILE A 41 1.46 19.55 -11.32
CA ILE A 41 2.03 18.30 -10.80
C ILE A 41 2.79 18.66 -9.52
N PRO A 42 2.37 18.13 -8.34
CA PRO A 42 3.14 18.40 -7.12
C PRO A 42 4.59 17.89 -7.20
N PRO A 43 5.56 18.62 -6.63
CA PRO A 43 6.96 18.16 -6.66
C PRO A 43 7.20 16.76 -6.12
N ASP A 44 6.46 16.38 -5.07
CA ASP A 44 6.61 15.04 -4.49
C ASP A 44 6.07 13.90 -5.39
N GLN A 45 5.40 14.25 -6.49
CA GLN A 45 5.04 13.28 -7.52
C GLN A 45 5.96 13.26 -8.74
N GLN A 46 7.02 14.07 -8.72
CA GLN A 46 7.92 14.22 -9.87
C GLN A 46 9.25 13.53 -9.64
N ARG A 47 9.71 12.79 -10.64
CA ARG A 47 11.09 12.34 -10.73
C ARG A 47 11.64 12.87 -12.06
N LEU A 48 12.69 13.69 -11.97
CA LEU A 48 13.36 14.25 -13.15
C LEU A 48 14.63 13.46 -13.47
N ILE A 49 14.84 13.21 -14.77
CA ILE A 49 15.90 12.33 -15.28
C ILE A 49 16.66 13.06 -16.39
N PHE A 50 17.97 12.85 -16.42
CA PHE A 50 18.85 13.38 -17.48
C PHE A 50 20.02 12.41 -17.67
N ALA A 51 20.26 12.02 -18.92
CA ALA A 51 21.25 10.98 -19.27
C ALA A 51 21.02 9.66 -18.51
N GLY A 52 19.74 9.31 -18.31
CA GLY A 52 19.36 8.08 -17.62
C GLY A 52 19.48 8.04 -16.10
N LYS A 53 19.94 9.13 -15.47
CA LYS A 53 20.12 9.18 -14.00
C LYS A 53 19.18 10.17 -13.32
N GLN A 54 18.94 9.92 -12.04
CA GLN A 54 17.92 10.61 -11.24
C GLN A 54 18.52 11.86 -10.60
N LEU A 55 17.89 13.01 -10.85
CA LEU A 55 18.43 14.29 -10.39
C LEU A 55 17.94 14.58 -8.97
N GLU A 56 18.89 14.86 -8.08
CA GLU A 56 18.59 15.12 -6.66
C GLU A 56 18.12 16.56 -6.46
N ASP A 57 17.15 16.73 -5.58
CA ASP A 57 16.47 18.02 -5.35
C ASP A 57 17.40 19.19 -5.01
N GLY A 58 18.41 18.93 -4.19
CA GLY A 58 19.34 19.96 -3.71
C GLY A 58 20.42 20.42 -4.69
N ARG A 59 20.66 19.65 -5.76
CA ARG A 59 21.70 19.99 -6.74
C ARG A 59 21.19 21.02 -7.74
N THR A 60 22.12 21.80 -8.31
CA THR A 60 21.80 22.74 -9.38
C THR A 60 21.76 22.01 -10.73
N LEU A 61 21.25 22.69 -11.75
CA LEU A 61 21.28 22.18 -13.13
C LEU A 61 22.70 22.10 -13.69
N SER A 62 23.56 23.02 -13.25
CA SER A 62 24.98 23.03 -13.63
C SER A 62 25.72 21.78 -13.16
N ASP A 63 25.37 21.29 -11.98
CA ASP A 63 25.96 20.06 -11.41
C ASP A 63 25.77 18.82 -12.31
N TYR A 64 24.71 18.80 -13.12
CA TYR A 64 24.45 17.72 -14.09
C TYR A 64 24.80 18.08 -15.55
N ASN A 65 25.50 19.19 -15.74
CA ASN A 65 25.90 19.71 -17.07
C ASN A 65 24.71 19.87 -18.04
N ILE A 66 23.65 20.48 -17.54
CA ILE A 66 22.44 20.72 -18.33
C ILE A 66 22.56 22.10 -18.97
N GLN A 67 22.45 22.13 -20.30
CA GLN A 67 22.57 23.36 -21.08
C GLN A 67 21.19 23.76 -21.60
N LYS A 68 21.11 24.95 -22.21
CA LYS A 68 19.85 25.40 -22.84
C LYS A 68 19.53 24.55 -24.07
N GLU A 69 18.23 24.41 -24.34
CA GLU A 69 17.69 23.44 -25.33
C GLU A 69 17.96 21.95 -24.99
N SER A 70 18.34 21.66 -23.74
CA SER A 70 18.39 20.27 -23.26
C SER A 70 16.98 19.81 -22.97
N THR A 71 16.78 18.49 -22.99
CA THR A 71 15.50 17.89 -22.66
C THR A 71 15.66 17.09 -21.37
N LEU A 72 14.96 17.53 -20.32
CA LEU A 72 14.80 16.74 -19.10
C LEU A 72 13.64 15.78 -19.29
N HIS A 73 13.75 14.61 -18.68
CA HIS A 73 12.68 13.64 -18.72
C HIS A 73 11.98 13.57 -17.36
N LEU A 74 10.65 13.71 -17.41
CA LEU A 74 9.79 13.66 -16.22
C LEU A 74 9.04 12.33 -16.20
N VAL A 75 9.23 11.59 -15.11
CA VAL A 75 8.44 10.39 -14.82
C VAL A 75 7.60 10.70 -13.58
N LEU A 76 6.29 10.52 -13.73
CA LEU A 76 5.36 10.80 -12.65
C LEU A 76 5.24 9.59 -11.72
N ARG A 77 5.24 9.86 -10.41
CA ARG A 77 4.98 8.83 -9.40
C ARG A 77 3.50 8.45 -9.37
N LEU A 78 3.22 7.31 -8.78
CA LEU A 78 1.85 6.87 -8.53
C LEU A 78 1.22 7.56 -7.32
N ARG A 79 2.03 8.15 -6.46
CA ARG A 79 1.55 8.87 -5.29
C ARG A 79 2.58 9.89 -4.83
N GLY A 80 2.12 10.84 -4.03
CA GLY A 80 3.00 11.71 -3.26
C GLY A 80 3.09 11.28 -1.81
N GLY A 81 3.43 12.23 -0.96
CA GLY A 81 3.62 12.00 0.47
C GLY A 81 2.36 11.94 1.30
N MET A 82 1.36 12.75 0.96
CA MET A 82 0.18 12.93 1.81
C MET A 82 -1.08 12.51 1.07
N GLN A 83 -1.83 11.57 1.66
CA GLN A 83 -3.18 11.27 1.19
C GLN A 83 -4.18 11.61 2.28
N ILE A 84 -5.38 11.97 1.86
CA ILE A 84 -6.54 12.01 2.74
C ILE A 84 -7.64 11.13 2.15
N PHE A 85 -8.56 10.72 3.00
CA PHE A 85 -9.67 9.87 2.59
C PHE A 85 -10.93 10.72 2.60
N VAL A 86 -11.80 10.52 1.61
CA VAL A 86 -13.09 11.21 1.56
C VAL A 86 -14.17 10.14 1.51
N LYS A 87 -15.04 10.15 2.52
CA LYS A 87 -16.13 9.17 2.68
C LYS A 87 -17.44 9.80 2.22
N THR A 88 -18.19 9.08 1.39
CA THR A 88 -19.52 9.51 0.95
C THR A 88 -20.58 8.91 1.86
N LEU A 89 -21.79 9.43 1.71
CA LEU A 89 -22.94 8.96 2.49
C LEU A 89 -23.29 7.51 2.16
N THR A 90 -23.01 7.11 0.92
CA THR A 90 -23.20 5.72 0.48
C THR A 90 -22.10 4.74 0.91
N GLY A 91 -21.16 5.18 1.76
CA GLY A 91 -20.11 4.31 2.29
C GLY A 91 -18.91 4.10 1.38
N LYS A 92 -18.86 4.84 0.27
CA LYS A 92 -17.74 4.77 -0.65
C LYS A 92 -16.62 5.66 -0.12
N THR A 93 -15.39 5.23 -0.34
CA THR A 93 -14.20 5.96 0.07
C THR A 93 -13.40 6.27 -1.17
N ILE A 94 -12.91 7.50 -1.26
CA ILE A 94 -11.91 7.81 -2.26
C ILE A 94 -10.71 8.40 -1.56
N THR A 95 -9.52 8.16 -2.10
CA THR A 95 -8.33 8.77 -1.53
C THR A 95 -7.76 9.75 -2.53
N LEU A 96 -7.35 10.88 -1.98
CA LEU A 96 -6.84 11.99 -2.75
C LEU A 96 -5.40 12.22 -2.38
N GLU A 97 -4.59 12.48 -3.40
CA GLU A 97 -3.24 12.98 -3.23
C GLU A 97 -3.35 14.48 -3.02
N VAL A 98 -2.90 14.94 -1.86
CA VAL A 98 -2.99 16.34 -1.46
C VAL A 98 -1.66 16.82 -0.86
N GLU A 99 -1.55 18.13 -0.71
CA GLU A 99 -0.51 18.80 0.07
C GLU A 99 -1.21 19.65 1.12
N PRO A 100 -0.54 19.93 2.26
CA PRO A 100 -1.20 20.75 3.28
C PRO A 100 -1.62 22.15 2.80
N SER A 101 -0.94 22.67 1.78
CA SER A 101 -1.27 23.97 1.18
C SER A 101 -2.44 23.93 0.18
N ASP A 102 -2.99 22.75 -0.10
CA ASP A 102 -4.20 22.66 -0.93
C ASP A 102 -5.32 23.41 -0.25
N THR A 103 -6.00 24.24 -1.04
CA THR A 103 -7.22 24.91 -0.61
C THR A 103 -8.38 23.92 -0.68
N ILE A 104 -9.47 24.23 0.02
CA ILE A 104 -10.66 23.38 -0.03
C ILE A 104 -11.23 23.29 -1.45
N GLU A 105 -11.22 24.41 -2.19
CA GLU A 105 -11.61 24.37 -3.61
C GLU A 105 -10.68 23.47 -4.45
N ASN A 106 -9.37 23.46 -4.15
CA ASN A 106 -8.46 22.52 -4.83
C ASN A 106 -8.87 21.06 -4.58
N VAL A 107 -9.24 20.76 -3.33
CA VAL A 107 -9.68 19.42 -2.93
C VAL A 107 -10.97 19.03 -3.66
N LYS A 108 -11.93 19.95 -3.69
CA LYS A 108 -13.16 19.73 -4.43
C LYS A 108 -12.93 19.48 -5.93
N ALA A 109 -11.99 20.20 -6.53
CA ALA A 109 -11.61 19.96 -7.93
C ALA A 109 -11.02 18.57 -8.17
N LYS A 110 -10.23 18.10 -7.20
CA LYS A 110 -9.69 16.74 -7.24
C LYS A 110 -10.80 15.70 -7.17
N ILE A 111 -11.80 15.97 -6.34
CA ILE A 111 -12.96 15.09 -6.23
C ILE A 111 -13.75 15.07 -7.55
N GLN A 112 -13.94 16.24 -8.16
CA GLN A 112 -14.56 16.34 -9.50
C GLN A 112 -13.78 15.54 -10.54
N ASP A 113 -12.46 15.65 -10.52
CA ASP A 113 -11.57 14.83 -11.37
C ASP A 113 -11.82 13.33 -11.27
N LYS A 114 -11.96 12.82 -10.04
CA LYS A 114 -12.14 11.39 -9.81
C LYS A 114 -13.58 10.90 -9.96
N GLU A 115 -14.55 11.68 -9.48
CA GLU A 115 -15.94 11.22 -9.39
C GLU A 115 -16.98 11.99 -10.23
N GLY A 116 -16.58 13.09 -10.86
CA GLY A 116 -17.46 13.87 -11.72
C GLY A 116 -18.45 14.82 -11.05
N ILE A 117 -18.33 14.99 -9.73
CA ILE A 117 -19.27 15.79 -8.95
C ILE A 117 -18.81 17.25 -8.97
N PRO A 118 -19.64 18.19 -9.46
CA PRO A 118 -19.25 19.61 -9.48
C PRO A 118 -18.95 20.16 -8.08
N PRO A 119 -17.88 20.98 -7.93
CA PRO A 119 -17.52 21.51 -6.61
C PRO A 119 -18.62 22.26 -5.86
N ASP A 120 -19.46 23.01 -6.55
CA ASP A 120 -20.51 23.78 -5.87
C ASP A 120 -21.62 22.89 -5.27
N GLN A 121 -21.74 21.65 -5.75
CA GLN A 121 -22.62 20.65 -5.14
C GLN A 121 -21.97 19.80 -4.02
N GLN A 122 -20.69 20.01 -3.75
CA GLN A 122 -19.98 19.30 -2.68
C GLN A 122 -19.95 20.10 -1.38
N ARG A 123 -20.29 19.42 -0.28
CA ARG A 123 -20.01 19.92 1.07
C ARG A 123 -19.01 18.97 1.69
N LEU A 124 -17.85 19.49 2.08
CA LEU A 124 -16.85 18.72 2.81
C LEU A 124 -16.97 19.04 4.29
N ILE A 125 -16.98 18.00 5.11
CA ILE A 125 -17.09 18.12 6.56
C ILE A 125 -15.90 17.43 7.22
N PHE A 126 -15.32 18.09 8.22
CA PHE A 126 -14.26 17.53 9.05
C PHE A 126 -14.48 17.99 10.48
N ALA A 127 -14.50 17.06 11.43
CA ALA A 127 -14.74 17.33 12.85
C ALA A 127 -16.01 18.18 13.07
N GLY A 128 -17.09 17.77 12.42
CA GLY A 128 -18.39 18.46 12.52
C GLY A 128 -18.56 19.80 11.82
N LYS A 129 -17.49 20.32 11.22
CA LYS A 129 -17.48 21.65 10.59
C LYS A 129 -17.48 21.50 9.08
N GLN A 130 -18.33 22.27 8.40
CA GLN A 130 -18.25 22.41 6.94
C GLN A 130 -17.05 23.29 6.60
N LEU A 131 -16.29 22.88 5.57
CA LEU A 131 -15.02 23.53 5.23
C LEU A 131 -15.21 24.62 4.15
N GLU A 132 -14.60 25.78 4.38
CA GLU A 132 -14.71 26.95 3.51
C GLU A 132 -13.74 26.87 2.33
N ASP A 133 -14.20 27.26 1.15
CA ASP A 133 -13.45 27.11 -0.11
C ASP A 133 -12.07 27.80 -0.17
N GLY A 134 -11.97 29.00 0.39
CA GLY A 134 -10.73 29.78 0.37
C GLY A 134 -9.65 29.39 1.37
N ARG A 135 -9.97 28.50 2.30
CA ARG A 135 -9.02 28.05 3.33
C ARG A 135 -8.28 26.80 2.85
N THR A 136 -7.16 26.52 3.50
CA THR A 136 -6.33 25.35 3.18
C THR A 136 -6.58 24.18 4.12
N LEU A 137 -6.09 23.01 3.74
CA LEU A 137 -6.10 21.85 4.61
C LEU A 137 -5.38 22.11 5.94
N SER A 138 -4.22 22.75 5.87
CA SER A 138 -3.46 23.09 7.07
C SER A 138 -4.20 24.07 8.01
N ASP A 139 -5.04 24.95 7.46
CA ASP A 139 -5.88 25.84 8.28
C ASP A 139 -6.84 25.09 9.21
N TYR A 140 -7.29 23.90 8.80
CA TYR A 140 -8.17 23.06 9.63
C TYR A 140 -7.44 21.95 10.40
N ASN A 141 -6.12 21.98 10.39
CA ASN A 141 -5.29 20.90 10.93
C ASN A 141 -5.67 19.51 10.39
N ILE A 142 -5.94 19.45 9.08
CA ILE A 142 -6.23 18.19 8.41
C ILE A 142 -4.88 17.54 8.09
N GLN A 143 -4.63 16.41 8.74
CA GLN A 143 -3.37 15.67 8.62
C GLN A 143 -3.45 14.55 7.58
N LYS A 144 -2.28 14.02 7.25
CA LYS A 144 -2.14 12.77 6.50
C LYS A 144 -3.09 11.72 7.06
N GLU A 145 -3.84 11.09 6.16
CA GLU A 145 -4.81 10.04 6.47
C GLU A 145 -6.02 10.46 7.32
N SER A 146 -6.30 11.77 7.40
CA SER A 146 -7.56 12.24 7.94
C SER A 146 -8.69 11.81 7.01
N THR A 147 -9.88 11.66 7.56
CA THR A 147 -11.06 11.33 6.76
C THR A 147 -12.01 12.53 6.76
N LEU A 148 -12.33 13.03 5.57
CA LEU A 148 -13.35 14.06 5.40
C LEU A 148 -14.62 13.37 4.97
N HIS A 149 -15.75 14.01 5.24
CA HIS A 149 -17.04 13.50 4.80
C HIS A 149 -17.60 14.39 3.70
N LEU A 150 -17.93 13.76 2.57
CA LEU A 150 -18.57 14.42 1.44
C LEU A 150 -20.08 14.23 1.53
N VAL A 151 -20.82 15.34 1.56
CA VAL A 151 -22.27 15.32 1.44
C VAL A 151 -22.65 16.18 0.25
N LEU A 152 -23.62 15.71 -0.54
CA LEU A 152 -24.01 16.44 -1.74
C LEU A 152 -25.16 17.38 -1.42
N ARG A 153 -25.16 18.54 -2.09
CA ARG A 153 -26.27 19.48 -2.02
C ARG A 153 -27.50 18.95 -2.75
N ARG B 2 20.99 -6.47 -31.65
CA ARG B 2 20.99 -5.33 -30.67
C ARG B 2 19.64 -4.58 -30.63
N LYS B 3 19.07 -4.26 -31.80
CA LYS B 3 17.75 -3.63 -31.85
C LYS B 3 16.65 -4.62 -31.42
N GLN B 4 16.79 -5.89 -31.81
CA GLN B 4 15.93 -6.97 -31.29
C GLN B 4 16.16 -7.22 -29.78
N GLU B 5 17.42 -7.11 -29.35
CA GLU B 5 17.75 -7.22 -27.92
C GLU B 5 17.20 -6.05 -27.08
N LEU B 6 17.25 -4.83 -27.63
CA LEU B 6 16.71 -3.66 -26.94
C LEU B 6 15.17 -3.59 -26.99
N VAL B 7 14.57 -4.05 -28.08
CA VAL B 7 13.10 -4.20 -28.15
C VAL B 7 12.61 -5.26 -27.14
N THR B 8 13.36 -6.35 -26.99
CA THR B 8 13.07 -7.38 -25.98
C THR B 8 13.02 -6.81 -24.57
N GLN B 9 14.06 -6.06 -24.20
CA GLN B 9 14.14 -5.39 -22.90
C GLN B 9 13.04 -4.33 -22.74
N ASN B 10 12.80 -3.56 -23.81
CA ASN B 10 11.68 -2.60 -23.88
C ASN B 10 10.33 -3.23 -23.50
N GLU B 11 10.05 -4.38 -24.12
CA GLU B 11 8.81 -5.14 -23.86
C GLU B 11 8.72 -5.64 -22.42
N LEU B 12 9.79 -6.29 -21.95
CA LEU B 12 9.85 -6.80 -20.56
C LEU B 12 9.74 -5.68 -19.51
N LEU B 13 10.41 -4.56 -19.75
CA LEU B 13 10.34 -3.38 -18.87
C LEU B 13 8.94 -2.78 -18.81
N LYS B 14 8.31 -2.60 -19.98
CA LYS B 14 6.93 -2.12 -20.05
C LYS B 14 5.96 -3.02 -19.28
N GLN B 15 6.12 -4.33 -19.44
CA GLN B 15 5.31 -5.30 -18.70
C GLN B 15 5.55 -5.21 -17.19
N GLN B 16 6.80 -5.01 -16.77
CA GLN B 16 7.11 -4.87 -15.33
C GLN B 16 6.48 -3.63 -14.72
N VAL B 17 6.53 -2.51 -15.45
CA VAL B 17 5.86 -1.26 -15.07
C VAL B 17 4.35 -1.43 -14.91
N LYS B 18 3.71 -2.11 -15.86
CA LYS B 18 2.26 -2.31 -15.82
C LYS B 18 1.84 -3.15 -14.61
N ILE B 19 2.59 -4.23 -14.36
CA ILE B 19 2.35 -5.12 -13.21
C ILE B 19 2.48 -4.32 -11.91
N PHE B 20 3.56 -3.56 -11.78
CA PHE B 20 3.81 -2.74 -10.59
C PHE B 20 2.73 -1.67 -10.38
N GLU B 21 2.22 -1.09 -11.46
CA GLU B 21 1.11 -0.14 -11.36
C GLU B 21 -0.18 -0.82 -10.90
N GLU B 22 -0.49 -1.99 -11.45
CA GLU B 22 -1.63 -2.80 -11.00
C GLU B 22 -1.53 -3.21 -9.52
N ASP B 23 -0.34 -3.63 -9.10
CA ASP B 23 -0.06 -3.97 -7.70
C ASP B 23 -0.33 -2.79 -6.77
N PHE B 24 0.20 -1.63 -7.15
CA PHE B 24 -0.06 -0.39 -6.40
C PHE B 24 -1.55 -0.09 -6.25
N GLN B 25 -2.30 -0.15 -7.35
CA GLN B 25 -3.73 0.17 -7.29
C GLN B 25 -4.53 -0.76 -6.38
N ARG B 26 -4.14 -2.03 -6.35
CA ARG B 26 -4.76 -3.02 -5.47
C ARG B 26 -4.39 -2.76 -4.00
N GLU B 27 -3.13 -2.39 -3.74
CA GLU B 27 -2.68 -2.03 -2.39
C GLU B 27 -3.44 -0.80 -1.87
N ARG B 28 -3.57 0.20 -2.74
CA ARG B 28 -4.35 1.41 -2.46
C ARG B 28 -5.82 1.11 -2.15
N SER B 29 -6.43 0.25 -2.94
CA SER B 29 -7.81 -0.17 -2.69
C SER B 29 -7.99 -0.88 -1.33
N ASP B 30 -7.04 -1.74 -0.97
CA ASP B 30 -7.04 -2.39 0.34
C ASP B 30 -6.86 -1.39 1.48
N ARG B 31 -6.01 -0.39 1.26
CA ARG B 31 -5.81 0.65 2.27
C ARG B 31 -7.08 1.50 2.51
N GLU B 32 -7.79 1.81 1.43
CA GLU B 32 -9.11 2.47 1.53
C GLU B 32 -10.11 1.70 2.37
N ARG B 33 -10.25 0.41 2.07
CA ARG B 33 -11.11 -0.48 2.84
C ARG B 33 -10.77 -0.50 4.32
N MET B 34 -9.47 -0.52 4.60
CA MET B 34 -9.00 -0.54 5.98
C MET B 34 -9.32 0.75 6.72
N ASN B 35 -9.27 1.87 6.02
CA ASN B 35 -9.71 3.13 6.59
C ASN B 35 -11.19 3.07 7.00
N GLU B 36 -12.00 2.52 6.11
CA GLU B 36 -13.42 2.34 6.36
C GLU B 36 -13.67 1.47 7.62
N GLU B 37 -12.88 0.42 7.77
CA GLU B 37 -12.93 -0.43 8.98
C GLU B 37 -12.47 0.29 10.24
N LYS B 38 -11.45 1.13 10.10
CA LYS B 38 -10.98 1.99 11.19
C LYS B 38 -12.08 2.97 11.62
N GLU B 39 -12.74 3.57 10.64
CA GLU B 39 -13.83 4.52 10.90
C GLU B 39 -15.01 3.87 11.62
N GLU B 40 -15.37 2.64 11.23
CA GLU B 40 -16.41 1.90 11.95
C GLU B 40 -16.00 1.53 13.38
N LEU B 41 -14.72 1.23 13.60
CA LEU B 41 -14.21 1.03 14.97
C LEU B 41 -14.30 2.31 15.81
N LYS B 42 -13.98 3.46 15.20
CA LYS B 42 -14.11 4.75 15.89
C LYS B 42 -15.55 5.06 16.30
N LYS B 43 -16.52 4.72 15.44
CA LYS B 43 -17.95 4.86 15.76
C LYS B 43 -18.34 3.95 16.93
N GLN B 44 -17.82 2.72 16.93
CA GLN B 44 -18.03 1.79 18.05
C GLN B 44 -17.48 2.32 19.36
N VAL B 45 -16.27 2.87 19.33
CA VAL B 45 -15.66 3.52 20.51
C VAL B 45 -16.56 4.65 21.03
N GLU B 46 -16.97 5.54 20.13
CA GLU B 46 -17.87 6.66 20.47
C GLU B 46 -19.14 6.18 21.15
N LYS B 47 -19.74 5.15 20.56
CA LYS B 47 -20.98 4.55 21.05
C LYS B 47 -20.81 3.93 22.44
N LEU B 48 -19.75 3.16 22.61
CA LEU B 48 -19.40 2.56 23.90
C LEU B 48 -19.03 3.60 24.98
N GLN B 49 -18.29 4.64 24.61
CA GLN B 49 -17.98 5.73 25.56
C GLN B 49 -19.27 6.41 26.08
N ALA B 50 -20.24 6.59 25.19
CA ALA B 50 -21.54 7.12 25.56
C ALA B 50 -22.31 6.18 26.50
N GLN B 51 -22.24 4.87 26.25
CA GLN B 51 -22.87 3.88 27.14
C GLN B 51 -22.26 3.90 28.54
N VAL B 52 -20.92 3.95 28.62
CA VAL B 52 -20.23 3.98 29.92
C VAL B 52 -20.58 5.25 30.70
N THR B 53 -20.56 6.39 30.00
CA THR B 53 -20.94 7.68 30.57
C THR B 53 -22.37 7.63 31.15
N LEU B 54 -23.30 7.08 30.37
CA LEU B 54 -24.69 6.93 30.83
C LEU B 54 -24.78 6.01 32.04
N THR B 55 -24.15 4.84 31.98
CA THR B 55 -24.30 3.88 33.10
C THR B 55 -23.63 4.39 34.38
N ASN B 56 -22.50 5.08 34.24
CA ASN B 56 -21.84 5.73 35.39
C ASN B 56 -22.77 6.75 36.07
N ALA B 57 -23.49 7.52 35.25
CA ALA B 57 -24.42 8.52 35.74
C ALA B 57 -25.63 7.86 36.42
N GLN B 58 -26.12 6.78 35.83
CA GLN B 58 -27.19 5.98 36.43
C GLN B 58 -26.79 5.40 37.77
N LEU B 59 -25.56 4.89 37.86
CA LEU B 59 -25.05 4.37 39.12
C LEU B 59 -25.05 5.43 40.23
N LYS B 60 -24.46 6.58 39.94
CA LYS B 60 -24.45 7.73 40.86
C LYS B 60 -25.86 8.16 41.25
N THR B 61 -26.75 8.21 40.26
CA THR B 61 -28.12 8.65 40.47
C THR B 61 -28.86 7.68 41.38
N LEU B 62 -28.70 6.38 41.12
CA LEU B 62 -29.33 5.32 41.91
C LEU B 62 -28.95 5.45 43.40
N LYS B 63 -27.68 5.71 43.67
CA LYS B 63 -27.18 5.94 45.02
C LYS B 63 -27.77 7.20 45.69
N GLU B 64 -27.95 8.27 44.93
CA GLU B 64 -28.57 9.49 45.45
C GLU B 64 -30.08 9.34 45.66
N GLU B 65 -30.75 8.66 44.72
CA GLU B 65 -32.15 8.29 44.90
C GLU B 65 -32.35 7.50 46.19
N GLU B 66 -31.38 6.63 46.53
CA GLU B 66 -31.39 5.89 47.78
C GLU B 66 -31.23 6.77 49.01
N LYS B 67 -30.21 7.62 49.01
CA LYS B 67 -30.00 8.53 50.14
C LYS B 67 -31.18 9.49 50.37
N ALA B 68 -31.87 9.87 49.30
CA ALA B 68 -33.08 10.69 49.38
C ALA B 68 -34.23 10.03 50.14
N LYS B 69 -34.21 8.70 50.25
CA LYS B 69 -35.09 7.98 51.19
C LYS B 69 -34.73 8.38 52.62
N LYS C 3 17.28 3.68 -32.91
CA LYS C 3 17.90 2.81 -31.85
C LYS C 3 18.28 3.58 -30.58
N GLN C 4 18.86 4.78 -30.74
CA GLN C 4 19.17 5.67 -29.61
C GLN C 4 17.90 6.15 -28.90
N GLU C 5 16.83 6.35 -29.67
CA GLU C 5 15.49 6.66 -29.12
C GLU C 5 14.98 5.50 -28.26
N LEU C 6 15.21 4.28 -28.74
CA LEU C 6 14.89 3.04 -28.00
C LEU C 6 15.74 2.88 -26.74
N VAL C 7 17.03 3.22 -26.84
CA VAL C 7 17.98 3.19 -25.72
C VAL C 7 17.53 4.10 -24.57
N THR C 8 17.08 5.30 -24.91
CA THR C 8 16.58 6.26 -23.94
C THR C 8 15.28 5.79 -23.27
N GLN C 9 14.38 5.20 -24.05
CA GLN C 9 13.09 4.74 -23.53
C GLN C 9 13.26 3.58 -22.53
N ASN C 10 14.21 2.68 -22.80
CA ASN C 10 14.54 1.59 -21.86
C ASN C 10 15.12 2.10 -20.54
N GLU C 11 15.92 3.17 -20.60
CA GLU C 11 16.49 3.74 -19.37
C GLU C 11 15.45 4.51 -18.55
N LEU C 12 14.50 5.15 -19.23
CA LEU C 12 13.36 5.80 -18.57
C LEU C 12 12.41 4.78 -17.96
N LEU C 13 12.12 3.73 -18.74
CA LEU C 13 11.32 2.60 -18.26
C LEU C 13 11.92 1.92 -17.02
N LYS C 14 13.24 1.77 -17.00
CA LYS C 14 13.97 1.25 -15.84
C LYS C 14 13.75 2.13 -14.61
N GLN C 15 13.87 3.44 -14.79
CA GLN C 15 13.61 4.40 -13.72
C GLN C 15 12.16 4.30 -13.21
N GLN C 16 11.23 4.17 -14.14
CA GLN C 16 9.80 4.02 -13.83
C GLN C 16 9.52 2.77 -13.00
N VAL C 17 10.21 1.66 -13.32
CA VAL C 17 10.13 0.42 -12.54
C VAL C 17 10.57 0.66 -11.10
N LYS C 18 11.71 1.33 -10.93
CA LYS C 18 12.24 1.62 -9.59
C LYS C 18 11.35 2.60 -8.80
N ILE C 19 10.83 3.62 -9.47
CA ILE C 19 9.88 4.57 -8.89
C ILE C 19 8.60 3.88 -8.41
N PHE C 20 8.02 3.06 -9.28
CA PHE C 20 6.76 2.39 -9.00
C PHE C 20 6.86 1.36 -7.86
N GLU C 21 8.02 0.70 -7.74
CA GLU C 21 8.28 -0.19 -6.60
C GLU C 21 8.41 0.58 -5.28
N GLU C 22 9.12 1.71 -5.31
CA GLU C 22 9.21 2.62 -4.17
C GLU C 22 7.81 3.08 -3.72
N ASP C 23 6.99 3.49 -4.68
CA ASP C 23 5.60 3.92 -4.42
C ASP C 23 4.76 2.82 -3.79
N PHE C 24 4.85 1.61 -4.35
CA PHE C 24 4.20 0.46 -3.76
C PHE C 24 4.66 0.20 -2.32
N GLN C 25 5.97 0.23 -2.07
CA GLN C 25 6.51 -0.04 -0.74
C GLN C 25 6.03 0.99 0.30
N ARG C 26 5.91 2.24 -0.11
CA ARG C 26 5.34 3.28 0.75
C ARG C 26 3.87 3.03 1.06
N GLU C 27 3.11 2.62 0.04
CA GLU C 27 1.69 2.32 0.21
C GLU C 27 1.49 1.15 1.15
N ARG C 28 2.32 0.12 1.00
CA ARG C 28 2.34 -1.05 1.89
C ARG C 28 2.66 -0.66 3.33
N SER C 29 3.70 0.15 3.50
CA SER C 29 4.09 0.67 4.81
C SER C 29 2.93 1.44 5.47
N ASP C 30 2.25 2.27 4.69
CA ASP C 30 1.09 3.01 5.15
C ASP C 30 -0.08 2.10 5.56
N ARG C 31 -0.32 1.03 4.80
CA ARG C 31 -1.36 0.06 5.15
C ARG C 31 -1.02 -0.68 6.45
N GLU C 32 0.25 -1.04 6.64
CA GLU C 32 0.70 -1.68 7.89
C GLU C 32 0.45 -0.80 9.13
N ARG C 33 0.79 0.47 9.00
CA ARG C 33 0.58 1.43 10.09
C ARG C 33 -0.91 1.62 10.39
N MET C 34 -1.72 1.63 9.34
CA MET C 34 -3.19 1.64 9.45
C MET C 34 -3.70 0.38 10.18
N ASN C 35 -3.14 -0.78 9.89
CA ASN C 35 -3.50 -1.97 10.64
C ASN C 35 -3.20 -1.82 12.14
N GLU C 36 -2.05 -1.24 12.47
CA GLU C 36 -1.66 -0.97 13.86
C GLU C 36 -2.65 -0.04 14.53
N GLU C 37 -3.10 1.00 13.81
CA GLU C 37 -4.11 1.92 14.31
C GLU C 37 -5.46 1.23 14.55
N LYS C 38 -5.87 0.36 13.61
CA LYS C 38 -7.05 -0.51 13.79
C LYS C 38 -6.95 -1.38 15.03
N GLU C 39 -5.78 -1.99 15.23
CA GLU C 39 -5.56 -2.86 16.39
C GLU C 39 -5.65 -2.11 17.73
N GLU C 40 -5.15 -0.88 17.75
CA GLU C 40 -5.27 -0.02 18.93
C GLU C 40 -6.72 0.32 19.24
N LEU C 41 -7.50 0.62 18.21
CA LEU C 41 -8.93 0.88 18.37
C LEU C 41 -9.69 -0.35 18.85
N LYS C 42 -9.34 -1.52 18.33
CA LYS C 42 -9.90 -2.79 18.81
C LYS C 42 -9.63 -3.02 20.31
N LYS C 43 -8.43 -2.67 20.78
CA LYS C 43 -8.11 -2.72 22.22
C LYS C 43 -8.98 -1.77 23.04
N GLN C 44 -9.18 -0.55 22.53
CA GLN C 44 -10.06 0.42 23.18
C GLN C 44 -11.49 -0.10 23.28
N VAL C 45 -11.99 -0.68 22.18
CA VAL C 45 -13.32 -1.31 22.16
C VAL C 45 -13.43 -2.41 23.23
N GLU C 46 -12.41 -3.26 23.31
CA GLU C 46 -12.36 -4.35 24.32
C GLU C 46 -12.42 -3.80 25.75
N LYS C 47 -11.60 -2.79 26.04
CA LYS C 47 -11.62 -2.14 27.37
C LYS C 47 -13.00 -1.55 27.66
N LEU C 48 -13.59 -0.91 26.65
CA LEU C 48 -14.88 -0.25 26.81
C LEU C 48 -16.02 -1.23 27.01
N GLN C 49 -15.99 -2.33 26.25
CA GLN C 49 -16.95 -3.41 26.43
C GLN C 49 -16.88 -4.00 27.83
N ALA C 50 -15.65 -4.20 28.32
CA ALA C 50 -15.43 -4.65 29.70
C ALA C 50 -16.03 -3.70 30.74
N GLN C 51 -15.88 -2.39 30.51
CA GLN C 51 -16.45 -1.38 31.41
C GLN C 51 -17.98 -1.37 31.38
N VAL C 52 -18.56 -1.57 30.19
CA VAL C 52 -20.01 -1.71 30.05
C VAL C 52 -20.53 -2.92 30.81
N THR C 53 -19.87 -4.08 30.69
CA THR C 53 -20.40 -5.28 31.36
C THR C 53 -20.30 -5.12 32.88
N LEU C 54 -19.21 -4.51 33.36
CA LEU C 54 -19.05 -4.25 34.79
C LEU C 54 -20.11 -3.30 35.32
N THR C 55 -20.28 -2.16 34.67
CA THR C 55 -21.22 -1.14 35.14
C THR C 55 -22.67 -1.62 35.04
N ASN C 56 -23.02 -2.32 33.95
CA ASN C 56 -24.35 -2.97 33.81
C ASN C 56 -24.60 -3.95 34.97
N ALA C 57 -23.58 -4.74 35.29
CA ALA C 57 -23.66 -5.69 36.38
C ALA C 57 -23.80 -4.99 37.73
N GLN C 58 -23.08 -3.88 37.94
CA GLN C 58 -23.20 -3.10 39.16
C GLN C 58 -24.58 -2.45 39.34
N LEU C 59 -25.16 -1.95 38.25
CA LEU C 59 -26.54 -1.42 38.25
C LEU C 59 -27.55 -2.47 38.70
N LYS C 60 -27.50 -3.64 38.05
CA LYS C 60 -28.37 -4.76 38.40
C LYS C 60 -28.24 -5.20 39.87
N THR C 61 -26.99 -5.28 40.38
CA THR C 61 -26.83 -5.74 41.77
C THR C 61 -27.21 -4.66 42.79
N LEU C 62 -26.95 -3.38 42.49
CA LEU C 62 -27.47 -2.29 43.35
C LEU C 62 -28.99 -2.36 43.52
N LYS C 63 -29.69 -2.53 42.41
CA LYS C 63 -31.15 -2.71 42.42
C LYS C 63 -31.56 -3.92 43.25
N GLU C 64 -30.83 -5.02 43.11
CA GLU C 64 -31.09 -6.25 43.88
C GLU C 64 -30.76 -6.10 45.38
N GLU C 65 -29.64 -5.43 45.68
CA GLU C 65 -29.24 -5.14 47.07
C GLU C 65 -30.24 -4.24 47.78
N GLU C 66 -30.74 -3.24 47.06
CA GLU C 66 -31.78 -2.37 47.61
C GLU C 66 -33.10 -3.10 47.82
N LYS C 67 -33.50 -3.92 46.86
CA LYS C 67 -34.69 -4.78 47.05
C LYS C 67 -34.59 -5.63 48.32
N ALA C 68 -33.42 -6.23 48.53
CA ALA C 68 -33.21 -7.18 49.63
C ALA C 68 -33.33 -6.57 51.03
N LYS C 69 -33.11 -5.26 51.15
CA LYS C 69 -33.35 -4.54 52.40
C LYS C 69 -34.84 -4.27 52.58
N MET D 6 18.39 -31.96 -18.32
CA MET D 6 18.02 -30.62 -18.86
C MET D 6 18.09 -29.55 -17.76
N GLN D 7 18.77 -28.44 -18.04
CA GLN D 7 18.96 -27.35 -17.08
C GLN D 7 18.76 -25.97 -17.71
N ILE D 8 17.70 -25.27 -17.32
CA ILE D 8 17.37 -23.94 -17.85
C ILE D 8 17.73 -22.81 -16.88
N PHE D 9 17.73 -21.59 -17.42
CA PHE D 9 18.05 -20.38 -16.66
C PHE D 9 16.82 -19.48 -16.56
N VAL D 10 16.69 -18.80 -15.42
CA VAL D 10 15.56 -17.89 -15.16
C VAL D 10 16.15 -16.56 -14.73
N LYS D 11 15.89 -15.51 -15.52
CA LYS D 11 16.51 -14.19 -15.33
C LYS D 11 15.49 -13.14 -14.92
N THR D 12 15.69 -12.53 -13.76
CA THR D 12 14.89 -11.36 -13.35
C THR D 12 15.39 -10.11 -14.07
N LEU D 13 14.56 -9.07 -14.11
CA LEU D 13 15.00 -7.73 -14.56
C LEU D 13 16.02 -7.10 -13.60
N THR D 14 16.02 -7.55 -12.35
CA THR D 14 17.05 -7.23 -11.35
C THR D 14 18.51 -7.59 -11.77
N GLY D 15 18.66 -8.56 -12.66
CA GLY D 15 19.97 -9.08 -13.07
C GLY D 15 20.32 -10.40 -12.39
N LYS D 16 19.39 -10.93 -11.60
CA LYS D 16 19.57 -12.18 -10.88
C LYS D 16 19.25 -13.33 -11.83
N THR D 17 20.23 -14.20 -12.05
CA THR D 17 20.04 -15.41 -12.87
C THR D 17 20.12 -16.63 -11.96
N ILE D 18 19.05 -17.42 -11.92
CA ILE D 18 19.10 -18.73 -11.24
C ILE D 18 19.05 -19.85 -12.28
N THR D 19 19.54 -21.01 -11.86
CA THR D 19 19.66 -22.17 -12.75
C THR D 19 18.80 -23.29 -12.15
N LEU D 20 17.92 -23.85 -12.98
CA LEU D 20 16.94 -24.84 -12.54
C LEU D 20 17.12 -26.16 -13.26
N GLU D 21 16.84 -27.25 -12.56
CA GLU D 21 16.89 -28.60 -13.12
C GLU D 21 15.49 -29.04 -13.50
N VAL D 22 15.25 -29.17 -14.80
CA VAL D 22 13.91 -29.42 -15.35
C VAL D 22 13.93 -30.60 -16.33
N GLU D 23 12.75 -30.89 -16.86
CA GLU D 23 12.55 -31.92 -17.86
C GLU D 23 11.63 -31.29 -18.89
N PRO D 24 11.84 -31.56 -20.19
CA PRO D 24 10.88 -30.94 -21.12
C PRO D 24 9.47 -31.38 -20.78
N SER D 25 8.48 -30.62 -21.21
CA SER D 25 7.09 -30.87 -20.81
C SER D 25 6.85 -30.90 -19.26
N ASP D 26 7.69 -30.17 -18.53
CA ASP D 26 7.42 -29.75 -17.16
C ASP D 26 6.40 -28.67 -17.40
N THR D 27 5.32 -28.67 -16.63
CA THR D 27 4.39 -27.55 -16.71
C THR D 27 5.10 -26.31 -16.17
N ILE D 28 4.64 -25.14 -16.62
CA ILE D 28 5.19 -23.87 -16.14
C ILE D 28 4.94 -23.77 -14.63
N GLU D 29 3.80 -24.31 -14.17
CA GLU D 29 3.47 -24.43 -12.74
C GLU D 29 4.59 -25.10 -11.93
N ASN D 30 5.12 -26.21 -12.43
CA ASN D 30 6.24 -26.92 -11.79
C ASN D 30 7.52 -26.07 -11.71
N VAL D 31 7.81 -25.33 -12.77
CA VAL D 31 8.98 -24.44 -12.82
C VAL D 31 8.85 -23.33 -11.78
N LYS D 32 7.64 -22.78 -11.65
CA LYS D 32 7.37 -21.74 -10.64
C LYS D 32 7.53 -22.26 -9.20
N ALA D 33 7.18 -23.53 -8.96
CA ALA D 33 7.40 -24.18 -7.66
C ALA D 33 8.89 -24.35 -7.33
N LYS D 34 9.68 -24.74 -8.33
CA LYS D 34 11.15 -24.78 -8.21
C LYS D 34 11.73 -23.41 -7.81
N ILE D 35 11.19 -22.35 -8.39
CA ILE D 35 11.61 -20.98 -8.06
C ILE D 35 11.25 -20.61 -6.61
N GLN D 36 10.08 -21.04 -6.12
CA GLN D 36 9.68 -20.79 -4.72
C GLN D 36 10.52 -21.57 -3.70
N ASP D 37 10.91 -22.80 -4.03
CA ASP D 37 11.84 -23.57 -3.20
C ASP D 37 13.23 -22.92 -3.09
N LYS D 38 13.67 -22.28 -4.17
CA LYS D 38 15.01 -21.69 -4.28
C LYS D 38 15.06 -20.26 -3.74
N GLU D 39 14.13 -19.44 -4.23
CA GLU D 39 14.01 -18.02 -3.83
C GLU D 39 12.77 -17.85 -2.95
N GLY D 40 12.55 -16.65 -2.42
CA GLY D 40 11.42 -16.42 -1.51
C GLY D 40 10.03 -16.26 -2.12
N ILE D 41 9.88 -16.56 -3.42
CA ILE D 41 8.80 -16.00 -4.26
C ILE D 41 7.63 -16.97 -4.51
N PRO D 42 6.41 -16.65 -4.01
CA PRO D 42 5.23 -17.47 -4.30
C PRO D 42 4.87 -17.50 -5.80
N PRO D 43 4.30 -18.62 -6.30
CA PRO D 43 3.97 -18.67 -7.74
C PRO D 43 3.02 -17.59 -8.25
N ASP D 44 2.11 -17.09 -7.41
CA ASP D 44 1.18 -16.03 -7.85
C ASP D 44 1.84 -14.65 -8.02
N GLN D 45 3.08 -14.49 -7.56
CA GLN D 45 3.91 -13.33 -7.87
C GLN D 45 4.91 -13.55 -9.01
N GLN D 46 4.78 -14.67 -9.73
CA GLN D 46 5.72 -15.04 -10.80
C GLN D 46 5.03 -15.03 -12.13
N ARG D 47 5.66 -14.38 -13.10
CA ARG D 47 5.19 -14.41 -14.49
C ARG D 47 6.40 -14.69 -15.37
N LEU D 48 6.38 -15.85 -16.02
CA LEU D 48 7.48 -16.31 -16.86
C LEU D 48 7.20 -16.02 -18.32
N ILE D 49 8.24 -15.59 -19.04
CA ILE D 49 8.14 -15.17 -20.45
C ILE D 49 9.26 -15.84 -21.24
N PHE D 50 8.91 -16.36 -22.42
CA PHE D 50 9.90 -16.91 -23.36
C PHE D 50 9.52 -16.53 -24.78
N ALA D 51 10.49 -16.01 -25.54
CA ALA D 51 10.29 -15.63 -26.95
C ALA D 51 9.09 -14.68 -27.15
N GLY D 52 8.92 -13.75 -26.21
CA GLY D 52 7.78 -12.82 -26.22
C GLY D 52 6.43 -13.38 -25.82
N LYS D 53 6.37 -14.65 -25.41
CA LYS D 53 5.11 -15.32 -25.05
C LYS D 53 4.96 -15.35 -23.53
N GLN D 54 3.84 -14.85 -23.02
CA GLN D 54 3.48 -15.04 -21.60
C GLN D 54 3.16 -16.52 -21.39
N LEU D 55 3.96 -17.18 -20.57
CA LEU D 55 3.86 -18.64 -20.39
C LEU D 55 2.75 -19.01 -19.42
N GLU D 56 1.81 -19.82 -19.90
CA GLU D 56 0.65 -20.26 -19.11
C GLU D 56 1.00 -21.45 -18.22
N ASP D 57 0.48 -21.44 -16.99
CA ASP D 57 0.78 -22.46 -15.97
C ASP D 57 0.47 -23.90 -16.39
N GLY D 58 -0.65 -24.08 -17.10
CA GLY D 58 -1.13 -25.42 -17.51
C GLY D 58 -0.43 -26.06 -18.69
N ARG D 59 0.28 -25.25 -19.47
CA ARG D 59 1.07 -25.74 -20.61
C ARG D 59 2.52 -25.99 -20.18
N THR D 60 3.29 -26.57 -21.09
CA THR D 60 4.58 -27.19 -20.75
C THR D 60 5.80 -26.61 -21.48
N LEU D 61 6.99 -26.95 -20.99
CA LEU D 61 8.25 -26.52 -21.64
C LEU D 61 8.31 -26.96 -23.10
N SER D 62 7.83 -28.18 -23.36
CA SER D 62 7.79 -28.78 -24.69
C SER D 62 6.87 -27.96 -25.58
N ASP D 63 5.71 -27.67 -25.00
CA ASP D 63 4.69 -26.77 -25.56
C ASP D 63 5.26 -25.49 -26.17
N TYR D 64 6.17 -24.87 -25.44
CA TYR D 64 6.79 -23.59 -25.83
C TYR D 64 8.14 -23.69 -26.57
N ASN D 65 8.46 -24.88 -27.11
CA ASN D 65 9.73 -25.14 -27.82
C ASN D 65 10.98 -24.74 -27.02
N ILE D 66 10.91 -24.89 -25.70
CA ILE D 66 11.98 -24.46 -24.79
C ILE D 66 13.04 -25.56 -24.74
N GLN D 67 14.18 -25.28 -25.38
CA GLN D 67 15.30 -26.23 -25.50
C GLN D 67 16.19 -26.23 -24.25
N LYS D 68 17.25 -27.06 -24.28
CA LYS D 68 17.94 -27.53 -23.06
C LYS D 68 18.44 -26.44 -22.09
N GLU D 69 19.22 -25.49 -22.61
CA GLU D 69 19.76 -24.39 -21.79
C GLU D 69 19.20 -23.02 -22.21
N SER D 70 17.89 -22.97 -22.46
CA SER D 70 17.19 -21.72 -22.75
C SER D 70 17.16 -20.83 -21.51
N THR D 71 16.93 -19.54 -21.73
CA THR D 71 16.78 -18.58 -20.63
C THR D 71 15.35 -18.02 -20.64
N LEU D 72 14.67 -18.13 -19.50
CA LEU D 72 13.34 -17.56 -19.30
C LEU D 72 13.47 -16.23 -18.57
N HIS D 73 12.56 -15.31 -18.88
CA HIS D 73 12.50 -14.02 -18.20
C HIS D 73 11.38 -14.02 -17.17
N LEU D 74 11.75 -13.73 -15.92
CA LEU D 74 10.82 -13.70 -14.80
C LEU D 74 10.46 -12.25 -14.50
N VAL D 75 9.20 -11.92 -14.73
CA VAL D 75 8.62 -10.65 -14.28
C VAL D 75 7.93 -10.93 -12.95
N LEU D 76 8.09 -10.01 -11.99
CA LEU D 76 7.65 -10.19 -10.60
C LEU D 76 6.49 -9.27 -10.23
N ARG D 77 5.56 -9.79 -9.42
CA ARG D 77 4.59 -8.96 -8.71
C ARG D 77 5.15 -8.60 -7.34
N LEU D 78 4.76 -7.44 -6.83
CA LEU D 78 5.13 -7.00 -5.48
C LEU D 78 4.19 -7.56 -4.41
N ARG D 79 3.05 -8.09 -4.84
CA ARG D 79 2.10 -8.72 -3.93
C ARG D 79 1.28 -9.73 -4.69
N GLY D 80 0.70 -10.67 -3.95
CA GLY D 80 -0.31 -11.58 -4.47
C GLY D 80 -1.70 -11.15 -4.05
N GLY D 81 -2.60 -12.14 -4.00
CA GLY D 81 -4.01 -11.91 -3.72
C GLY D 81 -4.43 -11.81 -2.26
N MET D 82 -3.61 -12.35 -1.35
CA MET D 82 -3.99 -12.39 0.06
C MET D 82 -2.79 -12.04 0.94
N GLN D 83 -3.01 -11.11 1.86
CA GLN D 83 -2.02 -10.79 2.88
C GLN D 83 -2.61 -10.98 4.27
N ILE D 84 -1.73 -11.31 5.21
CA ILE D 84 -2.06 -11.30 6.62
C ILE D 84 -1.00 -10.45 7.29
N PHE D 85 -1.34 -9.95 8.48
CA PHE D 85 -0.43 -9.12 9.25
C PHE D 85 0.02 -9.94 10.44
N VAL D 86 1.30 -9.81 10.79
CA VAL D 86 1.86 -10.47 11.96
C VAL D 86 2.44 -9.37 12.86
N LYS D 87 1.93 -9.29 14.08
CA LYS D 87 2.36 -8.28 15.05
C LYS D 87 3.28 -8.91 16.08
N THR D 88 4.45 -8.31 16.31
CA THR D 88 5.40 -8.80 17.32
C THR D 88 5.07 -8.21 18.68
N LEU D 89 5.68 -8.78 19.73
CA LEU D 89 5.50 -8.29 21.09
C LEU D 89 6.03 -6.86 21.27
N THR D 90 7.01 -6.49 20.46
CA THR D 90 7.60 -5.15 20.46
C THR D 90 6.86 -4.09 19.59
N GLY D 91 5.72 -4.45 19.01
CA GLY D 91 4.87 -3.49 18.27
C GLY D 91 5.10 -3.39 16.77
N LYS D 92 5.96 -4.24 16.22
CA LYS D 92 6.30 -4.22 14.81
C LYS D 92 5.34 -5.08 14.01
N THR D 93 5.04 -4.65 12.80
CA THR D 93 4.12 -5.36 11.91
C THR D 93 4.90 -5.94 10.74
N ILE D 94 4.56 -7.17 10.41
CA ILE D 94 5.13 -7.90 9.29
C ILE D 94 3.94 -8.25 8.41
N THR D 95 3.98 -7.87 7.14
CA THR D 95 2.96 -8.28 6.18
C THR D 95 3.50 -9.44 5.38
N LEU D 96 2.71 -10.52 5.31
CA LEU D 96 3.10 -11.72 4.61
C LEU D 96 2.16 -11.98 3.44
N GLU D 97 2.73 -12.45 2.35
CA GLU D 97 1.98 -12.84 1.16
C GLU D 97 1.72 -14.34 1.31
N VAL D 98 0.45 -14.69 1.46
CA VAL D 98 0.04 -16.06 1.76
C VAL D 98 -1.08 -16.52 0.84
N GLU D 99 -1.41 -17.80 0.99
CA GLU D 99 -2.51 -18.47 0.31
C GLU D 99 -3.33 -19.07 1.46
N PRO D 100 -4.67 -19.21 1.32
CA PRO D 100 -5.46 -19.84 2.39
C PRO D 100 -5.07 -21.30 2.78
N SER D 101 -4.49 -22.03 1.83
CA SER D 101 -3.95 -23.38 2.08
C SER D 101 -2.45 -23.42 2.45
N ASP D 102 -1.83 -22.27 2.71
CA ASP D 102 -0.52 -22.25 3.38
C ASP D 102 -0.67 -22.83 4.78
N THR D 103 0.29 -23.66 5.18
CA THR D 103 0.30 -24.21 6.54
C THR D 103 0.93 -23.19 7.47
N ILE D 104 0.76 -23.42 8.77
CA ILE D 104 1.40 -22.59 9.79
C ILE D 104 2.92 -22.71 9.66
N GLU D 105 3.40 -23.92 9.36
CA GLU D 105 4.80 -24.16 8.99
C GLU D 105 5.28 -23.26 7.86
N ASN D 106 4.50 -23.16 6.79
CA ASN D 106 4.82 -22.25 5.68
C ASN D 106 4.88 -20.79 6.13
N VAL D 107 3.94 -20.38 6.98
CA VAL D 107 3.89 -19.00 7.49
C VAL D 107 5.16 -18.68 8.29
N LYS D 108 5.56 -19.61 9.16
CA LYS D 108 6.79 -19.42 9.95
C LYS D 108 8.03 -19.33 9.06
N ALA D 109 8.07 -20.13 7.98
CA ALA D 109 9.15 -20.06 6.99
C ALA D 109 9.19 -18.71 6.25
N LYS D 110 8.03 -18.15 5.92
CA LYS D 110 7.95 -16.80 5.34
C LYS D 110 8.48 -15.73 6.31
N ILE D 111 8.14 -15.87 7.59
CA ILE D 111 8.67 -14.96 8.63
C ILE D 111 10.18 -15.09 8.71
N GLN D 112 10.71 -16.32 8.64
CA GLN D 112 12.15 -16.54 8.60
C GLN D 112 12.79 -15.82 7.40
N ASP D 113 12.25 -16.04 6.20
CA ASP D 113 12.78 -15.40 4.98
C ASP D 113 12.75 -13.87 5.06
N LYS D 114 11.70 -13.31 5.66
CA LYS D 114 11.56 -11.86 5.79
C LYS D 114 12.39 -11.27 6.93
N GLU D 115 12.29 -11.85 8.12
CA GLU D 115 12.85 -11.26 9.35
C GLU D 115 14.06 -11.99 9.95
N GLY D 116 14.30 -13.24 9.55
CA GLY D 116 15.44 -14.03 10.02
C GLY D 116 15.24 -14.82 11.30
N ILE D 117 14.03 -14.80 11.85
CA ILE D 117 13.71 -15.52 13.09
C ILE D 117 13.48 -17.00 12.75
N PRO D 118 14.19 -17.94 13.41
CA PRO D 118 13.97 -19.36 13.10
C PRO D 118 12.57 -19.87 13.50
N PRO D 119 11.97 -20.80 12.73
CA PRO D 119 10.61 -21.30 13.00
C PRO D 119 10.33 -21.96 14.35
N ASP D 120 11.24 -22.78 14.87
CA ASP D 120 11.00 -23.42 16.18
C ASP D 120 11.06 -22.44 17.37
N GLN D 121 11.59 -21.24 17.12
CA GLN D 121 11.50 -20.09 18.03
C GLN D 121 10.17 -19.33 18.00
N GLN D 122 9.39 -19.50 16.93
CA GLN D 122 8.12 -18.79 16.72
C GLN D 122 6.91 -19.50 17.32
N ARG D 123 6.07 -18.73 18.03
CA ARG D 123 4.73 -19.15 18.43
C ARG D 123 3.75 -18.15 17.84
N LEU D 124 2.80 -18.65 17.05
CA LEU D 124 1.79 -17.78 16.44
C LEU D 124 0.46 -17.95 17.17
N ILE D 125 -0.19 -16.81 17.42
CA ILE D 125 -1.43 -16.74 18.18
C ILE D 125 -2.48 -16.05 17.30
N PHE D 126 -3.71 -16.57 17.33
CA PHE D 126 -4.85 -15.92 16.65
C PHE D 126 -6.11 -16.23 17.44
N ALA D 127 -6.84 -15.17 17.80
CA ALA D 127 -8.10 -15.27 18.57
C ALA D 127 -7.92 -15.92 19.95
N GLY D 128 -6.78 -15.67 20.58
CA GLY D 128 -6.44 -16.29 21.88
C GLY D 128 -6.11 -17.78 21.83
N LYS D 129 -5.82 -18.30 20.64
CA LYS D 129 -5.45 -19.70 20.45
C LYS D 129 -4.07 -19.76 19.82
N GLN D 130 -3.22 -20.66 20.30
CA GLN D 130 -1.89 -20.88 19.71
C GLN D 130 -2.02 -21.86 18.56
N LEU D 131 -1.34 -21.55 17.45
CA LEU D 131 -1.58 -22.20 16.17
C LEU D 131 -0.62 -23.38 15.92
N GLU D 132 -1.22 -24.49 15.46
CA GLU D 132 -0.54 -25.78 15.33
C GLU D 132 0.10 -25.89 13.94
N ASP D 133 1.35 -26.35 13.92
CA ASP D 133 2.22 -26.36 12.73
C ASP D 133 1.62 -26.95 11.44
N GLY D 134 0.95 -28.10 11.56
CA GLY D 134 0.45 -28.86 10.41
C GLY D 134 -0.85 -28.37 9.81
N ARG D 135 -1.60 -27.57 10.56
CA ARG D 135 -2.88 -27.03 10.11
C ARG D 135 -2.67 -25.86 9.14
N THR D 136 -3.75 -25.46 8.46
CA THR D 136 -3.71 -24.40 7.45
C THR D 136 -4.40 -23.13 7.94
N LEU D 137 -4.19 -22.04 7.21
CA LEU D 137 -4.86 -20.77 7.54
C LEU D 137 -6.37 -20.90 7.44
N SER D 138 -6.85 -21.54 6.38
CA SER D 138 -8.29 -21.79 6.23
C SER D 138 -8.87 -22.64 7.36
N ASP D 139 -8.11 -23.60 7.89
CA ASP D 139 -8.53 -24.41 9.06
C ASP D 139 -8.86 -23.57 10.29
N TYR D 140 -8.14 -22.46 10.48
CA TYR D 140 -8.35 -21.56 11.62
C TYR D 140 -9.30 -20.38 11.36
N ASN D 141 -9.88 -20.32 10.17
CA ASN D 141 -10.75 -19.21 9.74
C ASN D 141 -9.96 -17.89 9.63
N ILE D 142 -8.67 -18.01 9.28
CA ILE D 142 -7.79 -16.85 9.12
C ILE D 142 -8.03 -16.29 7.73
N GLN D 143 -8.62 -15.09 7.68
CA GLN D 143 -9.00 -14.44 6.43
C GLN D 143 -7.92 -13.46 5.99
N LYS D 144 -8.08 -12.90 4.80
CA LYS D 144 -7.19 -11.82 4.34
C LYS D 144 -7.29 -10.65 5.32
N GLU D 145 -6.13 -10.05 5.61
CA GLU D 145 -6.01 -8.93 6.56
C GLU D 145 -6.28 -9.28 8.04
N SER D 146 -6.35 -10.57 8.37
CA SER D 146 -6.32 -11.00 9.76
C SER D 146 -4.95 -10.64 10.34
N THR D 147 -4.93 -10.37 11.65
CA THR D 147 -3.69 -10.10 12.37
C THR D 147 -3.36 -11.25 13.31
N LEU D 148 -2.21 -11.88 13.07
CA LEU D 148 -1.67 -12.88 13.98
C LEU D 148 -0.69 -12.21 14.93
N HIS D 149 -0.48 -12.82 16.09
CA HIS D 149 0.50 -12.33 17.04
C HIS D 149 1.66 -13.31 17.12
N LEU D 150 2.87 -12.81 16.93
CA LEU D 150 4.09 -13.61 17.05
C LEU D 150 4.72 -13.36 18.43
N VAL D 151 4.87 -14.43 19.20
CA VAL D 151 5.63 -14.41 20.46
C VAL D 151 6.79 -15.40 20.31
N LEU D 152 7.97 -14.98 20.74
CA LEU D 152 9.15 -15.84 20.65
C LEU D 152 9.27 -16.74 21.87
N ARG D 153 9.67 -17.97 21.61
CA ARG D 153 10.05 -18.92 22.66
C ARG D 153 11.57 -18.85 22.77
N LEU D 154 12.05 -18.25 23.84
CA LEU D 154 13.48 -18.15 24.13
C LEU D 154 13.80 -19.07 25.29
N ARG D 155 14.72 -20.00 25.06
CA ARG D 155 15.10 -20.99 26.08
C ARG D 155 16.18 -20.47 27.02
#